data_4F3F
#
_entry.id   4F3F
#
_cell.length_a   146.163
_cell.length_b   146.163
_cell.length_c   80.874
_cell.angle_alpha   90.00
_cell.angle_beta   90.00
_cell.angle_gamma   120.00
#
_symmetry.space_group_name_H-M   'P 64'
#
loop_
_entity.id
_entity.type
_entity.pdbx_description
1 polymer 'MORAb-009 Fab light chain'
2 polymer 'MORAb-009 Fab heavy chain'
3 polymer Mesothelin
4 water water
#
loop_
_entity_poly.entity_id
_entity_poly.type
_entity_poly.pdbx_seq_one_letter_code
_entity_poly.pdbx_strand_id
1 'polypeptide(L)'
;DIELTQSPAIMSASPGEKVTMTCSASSSVSYMHWYQQKSGTSPKRWIYDTSKLASGVPGRFSGSGSGNSYSLTISSVEAE
DDATYYCQQWSKHPLTFGSGTKVEIKRTVAAPSVFIFPPSDEQLKSGTASVVCLLNNFYPREAKVQWKVDNALQSGNSQE
SVTEQDSKDSTYSLSSTLTLSKADYEKHKVYACEVTHQGLSSPVTKSFNRGEC
;
A
2 'polypeptide(L)'
;(PCA)VQLQQSGPELEKPGASVKISCKASGYSFTGYTMNWVKQSHGKSLEWIGLITPYNGASSYNQKFRGKATLTVDKSS
STAYMDLLSLTSEDSAVYFCARGGYDGRGFDYWGSGTPVTVSSASTKGPSVFPLAPSSKSTSGGTAALGCLVKDYFPEPV
TVSWNSGALTSGVHTFPAVLQSSGLYSLSSVVTVPSSSLGTQTYICNVNHKPSNTKVDKKVEPKSCDKTHTCPPC
;
B
3 'polypeptide(L)' MCPSGKKAREIDESLIFYKKWELEACVDAALLATQMDRVNAIPFTYEQLDVLKHKLDELGSLEHHHHHH C
#
# COMPACT_ATOMS: atom_id res chain seq x y z
N ASP A 1 24.83 -4.42 6.22
CA ASP A 1 23.41 -4.75 6.37
C ASP A 1 23.15 -5.90 5.47
N ILE A 2 22.21 -6.75 5.90
CA ILE A 2 21.87 -7.91 5.15
C ILE A 2 21.00 -7.48 3.99
N GLU A 3 21.44 -7.89 2.81
CA GLU A 3 20.76 -7.57 1.58
C GLU A 3 19.89 -8.75 1.11
N LEU A 4 18.60 -8.49 0.89
CA LEU A 4 17.67 -9.55 0.46
C LEU A 4 17.23 -9.42 -0.98
N THR A 5 17.57 -10.42 -1.76
CA THR A 5 17.24 -10.43 -3.17
C THR A 5 16.08 -11.38 -3.51
N GLN A 6 14.92 -10.85 -3.82
CA GLN A 6 13.76 -11.66 -4.09
C GLN A 6 13.62 -11.95 -5.55
N SER A 7 13.26 -13.17 -5.91
CA SER A 7 12.97 -13.47 -7.31
C SER A 7 11.93 -14.59 -7.45
N PRO A 8 11.23 -14.60 -8.57
CA PRO A 8 11.32 -13.56 -9.58
C PRO A 8 10.73 -12.29 -9.00
N ALA A 9 10.91 -11.18 -9.71
CA ALA A 9 10.36 -9.91 -9.30
C ALA A 9 8.86 -9.90 -9.56
N ILE A 10 8.49 -10.46 -10.71
CA ILE A 10 7.10 -10.61 -11.04
C ILE A 10 6.87 -12.03 -11.42
N MET A 11 5.99 -12.69 -10.71
CA MET A 11 5.63 -14.06 -11.00
C MET A 11 4.22 -14.10 -11.51
N SER A 12 3.97 -14.69 -12.67
CA SER A 12 2.57 -14.81 -13.03
C SER A 12 2.22 -16.27 -13.02
N ALA A 13 1.06 -16.56 -12.43
CA ALA A 13 0.72 -17.90 -12.07
C ALA A 13 -0.69 -18.26 -12.46
N SER A 14 -0.85 -19.38 -13.14
CA SER A 14 -2.18 -19.90 -13.40
C SER A 14 -2.73 -20.58 -12.17
N PRO A 15 -3.99 -20.31 -11.85
CA PRO A 15 -4.64 -20.91 -10.67
C PRO A 15 -4.55 -22.43 -10.70
N GLY A 16 -4.41 -23.06 -9.54
CA GLY A 16 -4.14 -24.48 -9.47
C GLY A 16 -2.65 -24.82 -9.50
N GLU A 17 -1.81 -23.96 -10.06
CA GLU A 17 -0.40 -24.28 -10.12
C GLU A 17 0.23 -24.22 -8.76
N LYS A 18 1.38 -24.88 -8.68
CA LYS A 18 2.23 -24.81 -7.52
C LYS A 18 3.42 -23.93 -7.88
N VAL A 19 3.68 -22.93 -7.07
CA VAL A 19 4.76 -22.00 -7.37
C VAL A 19 5.55 -21.61 -6.14
N THR A 20 6.84 -21.42 -6.35
CA THR A 20 7.76 -20.98 -5.29
C THR A 20 8.54 -19.74 -5.65
N MET A 21 8.61 -18.81 -4.69
CA MET A 21 9.39 -17.58 -4.86
C MET A 21 10.54 -17.59 -3.88
N THR A 22 11.64 -16.94 -4.23
CA THR A 22 12.85 -17.07 -3.45
C THR A 22 13.29 -15.75 -2.86
N CYS A 23 13.99 -15.84 -1.73
CA CYS A 23 14.62 -14.70 -1.12
C CYS A 23 16.05 -15.12 -0.80
N SER A 24 17.04 -14.61 -1.54
CA SER A 24 18.47 -14.83 -1.23
C SER A 24 18.97 -13.80 -0.26
N ALA A 25 19.59 -14.21 0.83
CA ALA A 25 20.20 -13.25 1.72
C ALA A 25 21.69 -13.20 1.46
N SER A 26 22.27 -11.99 1.52
CA SER A 26 23.67 -11.78 1.26
C SER A 26 24.54 -12.46 2.29
N SER A 27 24.05 -12.71 3.48
CA SER A 27 24.76 -13.57 4.38
C SER A 27 23.78 -14.29 5.28
N SER A 28 24.29 -15.03 6.25
CA SER A 28 23.49 -15.99 6.98
C SER A 28 22.40 -15.39 7.85
N VAL A 29 21.23 -16.01 7.78
CA VAL A 29 20.03 -15.55 8.45
C VAL A 29 19.46 -16.65 9.35
N SER A 30 19.06 -16.30 10.54
CA SER A 30 18.55 -17.30 11.44
C SER A 30 17.04 -17.63 11.22
N TYR A 31 16.23 -16.60 10.93
CA TYR A 31 14.80 -16.73 10.69
C TYR A 31 14.42 -15.72 9.69
N MET A 32 13.51 -16.08 8.81
CA MET A 32 12.95 -15.19 7.80
C MET A 32 11.44 -15.09 8.01
N HIS A 33 10.84 -13.94 7.78
CA HIS A 33 9.42 -13.81 7.89
C HIS A 33 8.90 -13.25 6.55
N TRP A 34 7.62 -13.48 6.27
CA TRP A 34 7.12 -13.02 5.00
C TRP A 34 5.82 -12.29 5.25
N TYR A 35 5.54 -11.28 4.43
CA TYR A 35 4.35 -10.47 4.56
C TYR A 35 3.69 -10.39 3.20
N GLN A 36 2.35 -10.40 3.19
CA GLN A 36 1.59 -10.19 1.98
C GLN A 36 1.05 -8.75 2.06
N GLN A 37 1.21 -7.96 1.01
CA GLN A 37 0.61 -6.66 0.97
C GLN A 37 -0.14 -6.48 -0.33
N LYS A 38 -1.36 -6.00 -0.25
CA LYS A 38 -2.16 -5.84 -1.45
C LYS A 38 -2.33 -4.40 -1.67
N SER A 39 -2.11 -3.93 -2.89
CA SER A 39 -2.24 -2.51 -3.18
C SER A 39 -3.13 -1.83 -2.17
N GLY A 40 -2.59 -0.84 -1.47
CA GLY A 40 -3.40 0.02 -0.64
C GLY A 40 -3.82 -0.53 0.72
N THR A 41 -3.10 -1.52 1.25
CA THR A 41 -3.42 -2.04 2.56
C THR A 41 -2.08 -2.15 3.28
N SER A 42 -2.14 -2.16 4.59
CA SER A 42 -1.02 -2.56 5.38
C SER A 42 -0.64 -3.97 5.01
N PRO A 43 0.65 -4.27 5.08
CA PRO A 43 1.19 -5.62 4.97
C PRO A 43 0.62 -6.51 6.04
N LYS A 44 0.61 -7.81 5.79
CA LYS A 44 0.05 -8.78 6.72
C LYS A 44 1.06 -9.87 6.89
N ARG A 45 1.38 -10.18 8.14
CA ARG A 45 2.27 -11.26 8.42
C ARG A 45 1.72 -12.57 7.84
N TRP A 46 2.50 -13.22 6.96
CA TRP A 46 2.01 -14.43 6.26
C TRP A 46 2.67 -15.75 6.76
N ILE A 47 3.99 -15.83 6.68
CA ILE A 47 4.77 -16.94 7.23
C ILE A 47 5.74 -16.33 8.26
N TYR A 48 5.97 -16.97 9.39
CA TYR A 48 6.94 -16.41 10.29
C TYR A 48 7.92 -17.49 10.74
N ASP A 49 9.00 -17.12 11.42
CA ASP A 49 10.05 -18.09 11.74
C ASP A 49 10.35 -19.04 10.56
N THR A 50 10.49 -18.50 9.36
CA THR A 50 10.87 -19.29 8.19
C THR A 50 9.84 -20.25 7.58
N SER A 51 9.06 -20.93 8.43
CA SER A 51 8.22 -22.02 7.96
C SER A 51 6.85 -22.23 8.65
N LYS A 52 6.41 -21.28 9.47
CA LYS A 52 5.19 -21.43 10.24
C LYS A 52 4.07 -20.55 9.71
N LEU A 53 2.85 -21.07 9.66
CA LEU A 53 1.72 -20.27 9.19
C LEU A 53 1.34 -19.29 10.24
N ALA A 54 1.28 -18.02 9.85
CA ALA A 54 0.68 -17.04 10.70
C ALA A 54 -0.82 -17.30 10.78
N SER A 55 -1.42 -16.85 11.87
CA SER A 55 -2.84 -16.90 12.10
C SER A 55 -3.64 -16.49 10.87
N GLY A 56 -4.63 -17.31 10.57
CA GLY A 56 -5.55 -17.07 9.48
C GLY A 56 -5.05 -17.33 8.07
N VAL A 57 -3.81 -17.76 7.87
CA VAL A 57 -3.29 -17.90 6.51
C VAL A 57 -3.64 -19.26 5.92
N PRO A 58 -4.14 -19.29 4.69
CA PRO A 58 -4.57 -20.60 4.21
C PRO A 58 -3.42 -21.61 4.16
N GLY A 59 -3.73 -22.88 4.43
CA GLY A 59 -2.75 -23.95 4.50
C GLY A 59 -1.92 -24.18 3.26
N ARG A 60 -2.30 -23.57 2.15
CA ARG A 60 -1.58 -23.81 0.92
C ARG A 60 -0.31 -23.00 0.83
N PHE A 61 -0.12 -22.07 1.78
CA PHE A 61 1.15 -21.33 1.89
C PHE A 61 2.12 -22.07 2.77
N SER A 62 3.38 -22.19 2.34
CA SER A 62 4.43 -22.72 3.22
C SER A 62 5.75 -21.98 3.04
N GLY A 63 6.67 -22.21 3.96
CA GLY A 63 7.97 -21.58 3.84
C GLY A 63 9.06 -22.54 4.18
N SER A 64 10.22 -22.38 3.55
CA SER A 64 11.38 -23.12 3.99
C SER A 64 12.62 -22.34 3.67
N GLY A 65 13.77 -22.92 4.01
CA GLY A 65 15.02 -22.42 3.54
C GLY A 65 16.08 -22.57 4.59
N SER A 66 17.35 -22.68 4.18
CA SER A 66 18.44 -22.63 5.17
C SER A 66 19.57 -21.65 4.83
N GLY A 67 20.01 -20.95 5.86
CA GLY A 67 21.26 -20.23 5.78
C GLY A 67 21.15 -19.03 4.88
N ASN A 68 21.32 -19.19 3.57
CA ASN A 68 21.17 -18.03 2.69
C ASN A 68 19.95 -18.03 1.74
N SER A 69 19.37 -19.19 1.43
CA SER A 69 18.26 -19.24 0.48
C SER A 69 16.89 -19.59 1.09
N TYR A 70 16.00 -18.62 1.14
CA TYR A 70 14.67 -18.85 1.70
C TYR A 70 13.61 -18.87 0.60
N SER A 71 12.53 -19.61 0.80
CA SER A 71 11.51 -19.67 -0.21
C SER A 71 10.12 -19.72 0.39
N LEU A 72 9.18 -19.20 -0.37
CA LEU A 72 7.80 -19.19 -0.01
C LEU A 72 7.05 -19.91 -1.14
N THR A 73 6.22 -20.87 -0.75
CA THR A 73 5.52 -21.71 -1.71
C THR A 73 3.99 -21.62 -1.57
N ILE A 74 3.35 -21.51 -2.74
CA ILE A 74 1.91 -21.58 -2.83
C ILE A 74 1.61 -22.89 -3.53
N SER A 75 1.08 -23.84 -2.80
CA SER A 75 0.93 -25.17 -3.39
C SER A 75 -0.25 -25.24 -4.36
N SER A 76 -1.19 -24.30 -4.30
CA SER A 76 -2.22 -24.28 -5.32
C SER A 76 -2.78 -22.88 -5.47
N VAL A 77 -2.39 -22.20 -6.52
CA VAL A 77 -2.58 -20.74 -6.54
C VAL A 77 -4.06 -20.43 -6.78
N GLU A 78 -4.47 -19.27 -6.27
CA GLU A 78 -5.86 -18.84 -6.35
C GLU A 78 -6.02 -17.36 -6.53
N ALA A 79 -7.16 -16.99 -7.11
CA ALA A 79 -7.38 -15.64 -7.54
C ALA A 79 -7.01 -14.60 -6.49
N GLU A 80 -7.09 -14.95 -5.22
CA GLU A 80 -6.99 -14.00 -4.12
C GLU A 80 -5.57 -13.89 -3.58
N ASP A 81 -4.68 -14.63 -4.20
CA ASP A 81 -3.29 -14.59 -3.82
C ASP A 81 -2.56 -13.49 -4.55
N ASP A 82 -3.20 -12.84 -5.51
CA ASP A 82 -2.59 -11.68 -6.15
C ASP A 82 -2.19 -10.64 -5.10
N ALA A 83 -0.89 -10.41 -4.95
CA ALA A 83 -0.41 -9.47 -3.94
C ALA A 83 1.08 -9.35 -4.15
N THR A 84 1.73 -8.52 -3.32
CA THR A 84 3.20 -8.51 -3.29
C THR A 84 3.67 -9.15 -1.99
N TYR A 85 4.61 -10.07 -2.08
CA TYR A 85 5.12 -10.72 -0.89
C TYR A 85 6.55 -10.24 -0.63
N TYR A 86 6.78 -9.72 0.60
CA TYR A 86 8.05 -9.28 1.05
C TYR A 86 8.64 -10.23 2.08
N CYS A 87 9.90 -10.63 1.88
CA CYS A 87 10.66 -11.28 2.96
C CYS A 87 11.34 -10.28 3.91
N GLN A 88 11.68 -10.74 5.10
CA GLN A 88 12.27 -9.89 6.10
C GLN A 88 13.17 -10.74 6.92
N GLN A 89 14.43 -10.32 7.09
CA GLN A 89 15.38 -11.09 7.88
C GLN A 89 15.30 -10.67 9.33
N TRP A 90 15.35 -11.63 10.24
CA TRP A 90 15.28 -11.32 11.66
C TRP A 90 16.47 -11.92 12.35
N SER A 91 17.63 -11.38 12.06
CA SER A 91 18.86 -12.08 12.33
C SER A 91 20.00 -11.09 12.67
N LYS A 92 20.20 -10.06 11.85
CA LYS A 92 21.20 -9.03 12.08
C LYS A 92 20.58 -7.66 12.14
N HIS A 93 20.93 -6.89 13.16
CA HIS A 93 20.54 -5.49 13.22
C HIS A 93 21.25 -4.70 12.12
N PRO A 94 20.52 -3.91 11.35
CA PRO A 94 19.10 -3.59 11.42
C PRO A 94 18.25 -4.52 10.55
N LEU A 95 16.98 -4.63 10.88
CA LEU A 95 16.05 -5.44 10.10
C LEU A 95 16.01 -4.98 8.63
N THR A 96 15.99 -5.90 7.69
CA THR A 96 15.91 -5.49 6.28
C THR A 96 14.89 -6.31 5.59
N PHE A 97 14.33 -5.74 4.51
CA PHE A 97 13.26 -6.38 3.74
C PHE A 97 13.72 -6.55 2.32
N GLY A 98 13.23 -7.58 1.64
CA GLY A 98 13.42 -7.67 0.21
C GLY A 98 12.54 -6.63 -0.42
N SER A 99 12.67 -6.44 -1.74
CA SER A 99 11.86 -5.43 -2.43
C SER A 99 10.60 -6.03 -3.05
N GLY A 100 10.35 -7.29 -2.71
CA GLY A 100 9.10 -7.94 -3.05
C GLY A 100 9.04 -8.75 -4.34
N THR A 101 8.32 -9.87 -4.28
CA THR A 101 7.92 -10.60 -5.47
C THR A 101 6.46 -10.32 -5.72
N LYS A 102 6.12 -9.75 -6.85
CA LYS A 102 4.72 -9.51 -7.11
C LYS A 102 4.10 -10.67 -7.86
N VAL A 103 3.00 -11.21 -7.33
CA VAL A 103 2.29 -12.32 -7.94
C VAL A 103 1.07 -11.87 -8.75
N GLU A 104 1.08 -11.98 -10.08
CA GLU A 104 -0.13 -11.66 -10.84
C GLU A 104 -0.77 -12.96 -11.35
N ILE A 105 -2.10 -13.04 -11.29
CA ILE A 105 -2.86 -14.26 -11.62
C ILE A 105 -3.16 -14.41 -13.12
N LYS A 106 -2.81 -15.55 -13.73
CA LYS A 106 -3.20 -15.81 -15.13
C LYS A 106 -4.69 -16.11 -15.22
N ARG A 107 -5.37 -15.49 -16.17
CA ARG A 107 -6.72 -15.89 -16.52
C ARG A 107 -6.84 -15.81 -18.04
N THR A 108 -8.06 -15.88 -18.56
CA THR A 108 -8.22 -15.89 -20.01
C THR A 108 -8.45 -14.49 -20.50
N VAL A 109 -8.07 -14.28 -21.75
CA VAL A 109 -8.27 -13.02 -22.39
C VAL A 109 -9.70 -12.57 -22.12
N ALA A 110 -9.83 -11.29 -21.80
CA ALA A 110 -11.11 -10.64 -21.63
C ALA A 110 -10.98 -9.22 -22.20
N ALA A 111 -11.68 -8.98 -23.30
CA ALA A 111 -11.69 -7.68 -23.91
C ALA A 111 -12.31 -6.60 -22.98
N PRO A 112 -11.79 -5.36 -23.07
CA PRO A 112 -12.41 -4.26 -22.31
C PRO A 112 -13.78 -3.90 -22.81
N SER A 113 -14.71 -3.59 -21.93
CA SER A 113 -15.93 -2.93 -22.35
C SER A 113 -15.56 -1.49 -22.24
N VAL A 114 -15.89 -0.68 -23.23
CA VAL A 114 -15.39 0.67 -23.31
C VAL A 114 -16.51 1.71 -23.19
N PHE A 115 -16.28 2.74 -22.38
CA PHE A 115 -17.26 3.79 -22.19
C PHE A 115 -16.60 5.15 -22.27
N ILE A 116 -17.29 6.12 -22.85
CA ILE A 116 -16.76 7.46 -22.92
C ILE A 116 -17.68 8.45 -22.17
N PHE A 117 -17.06 9.42 -21.49
CA PHE A 117 -17.81 10.45 -20.74
C PHE A 117 -17.44 11.87 -21.15
N PRO A 118 -18.43 12.62 -21.63
CA PRO A 118 -18.15 14.02 -21.98
C PRO A 118 -17.99 14.85 -20.72
N PRO A 119 -17.38 16.02 -20.87
CA PRO A 119 -17.16 16.95 -19.77
C PRO A 119 -18.48 17.45 -19.23
N SER A 120 -18.62 17.55 -17.93
CA SER A 120 -19.86 18.02 -17.35
C SER A 120 -19.96 19.54 -17.39
N ASP A 121 -21.18 19.99 -17.66
CA ASP A 121 -21.56 21.38 -17.57
C ASP A 121 -20.92 22.10 -16.37
N GLU A 122 -20.90 21.45 -15.22
CA GLU A 122 -20.35 22.05 -13.99
C GLU A 122 -18.91 22.43 -14.22
N GLN A 123 -18.20 21.52 -14.88
CA GLN A 123 -16.77 21.65 -15.04
C GLN A 123 -16.45 22.65 -16.14
N LEU A 124 -17.29 22.68 -17.16
CA LEU A 124 -17.06 23.58 -18.28
C LEU A 124 -17.00 25.06 -17.86
N LYS A 125 -17.96 25.48 -17.06
CA LYS A 125 -17.97 26.86 -16.64
C LYS A 125 -16.74 27.19 -15.80
N SER A 126 -16.03 26.16 -15.35
CA SER A 126 -14.76 26.33 -14.63
C SER A 126 -13.69 26.99 -15.51
N GLY A 127 -13.60 26.54 -16.76
CA GLY A 127 -12.55 26.97 -17.66
C GLY A 127 -11.97 25.78 -18.40
N THR A 128 -12.01 24.61 -17.78
CA THR A 128 -11.42 23.43 -18.38
C THR A 128 -12.41 22.30 -18.59
N ALA A 129 -12.07 21.44 -19.55
CA ALA A 129 -12.92 20.33 -19.96
C ALA A 129 -12.14 19.01 -19.94
N SER A 130 -12.74 17.99 -19.33
CA SER A 130 -12.13 16.67 -19.22
C SER A 130 -13.04 15.60 -19.80
N VAL A 131 -12.54 14.92 -20.82
CA VAL A 131 -13.26 13.80 -21.39
C VAL A 131 -12.60 12.56 -20.89
N VAL A 132 -13.39 11.57 -20.51
CA VAL A 132 -12.85 10.39 -19.87
C VAL A 132 -13.22 9.18 -20.68
N CYS A 133 -12.29 8.24 -20.80
CA CYS A 133 -12.51 7.02 -21.55
C CYS A 133 -12.26 5.91 -20.57
N LEU A 134 -13.26 5.07 -20.34
CA LEU A 134 -13.08 3.97 -19.40
C LEU A 134 -12.95 2.69 -20.17
N LEU A 135 -11.99 1.85 -19.78
CA LEU A 135 -11.85 0.50 -20.30
C LEU A 135 -12.08 -0.45 -19.16
N ASN A 136 -13.21 -1.14 -19.13
CA ASN A 136 -13.54 -1.93 -17.97
C ASN A 136 -13.33 -3.44 -18.07
N ASN A 137 -12.71 -3.95 -17.00
CA ASN A 137 -12.51 -5.37 -16.72
C ASN A 137 -11.87 -6.19 -17.83
N PHE A 138 -10.59 -5.94 -18.09
CA PHE A 138 -9.95 -6.65 -19.16
C PHE A 138 -8.77 -7.41 -18.66
N TYR A 139 -8.24 -8.23 -19.53
CA TYR A 139 -7.06 -8.95 -19.20
C TYR A 139 -6.50 -9.50 -20.49
N PRO A 140 -5.17 -9.38 -20.68
CA PRO A 140 -4.20 -8.91 -19.68
C PRO A 140 -4.14 -7.41 -19.65
N ARG A 141 -3.16 -6.86 -18.94
CA ARG A 141 -3.11 -5.43 -18.60
C ARG A 141 -2.84 -4.48 -19.76
N GLU A 142 -2.11 -4.93 -20.77
CA GLU A 142 -1.70 -4.06 -21.84
C GLU A 142 -2.87 -3.62 -22.72
N ALA A 143 -3.10 -2.32 -22.80
CA ALA A 143 -4.05 -1.74 -23.74
C ALA A 143 -3.51 -0.44 -24.39
N LYS A 144 -3.90 -0.19 -25.63
CA LYS A 144 -3.60 1.08 -26.25
C LYS A 144 -4.87 1.90 -26.30
N VAL A 145 -4.77 3.17 -25.93
CA VAL A 145 -5.84 4.11 -26.16
C VAL A 145 -5.37 5.24 -27.07
N GLN A 146 -6.27 5.83 -27.84
CA GLN A 146 -5.89 6.96 -28.63
C GLN A 146 -7.05 7.87 -28.67
N TRP A 147 -6.80 9.15 -28.51
CA TRP A 147 -7.86 10.14 -28.60
C TRP A 147 -7.85 10.78 -29.95
N LYS A 148 -9.02 11.20 -30.39
CA LYS A 148 -9.11 11.83 -31.68
C LYS A 148 -10.26 12.79 -31.65
N VAL A 149 -9.95 14.02 -32.02
CA VAL A 149 -10.90 15.10 -31.99
C VAL A 149 -11.12 15.53 -33.40
N ASP A 150 -12.34 15.40 -33.90
CA ASP A 150 -12.62 15.69 -35.31
C ASP A 150 -11.54 15.00 -36.13
N ASN A 151 -11.14 13.82 -35.67
CA ASN A 151 -10.21 12.98 -36.41
C ASN A 151 -8.78 13.42 -36.40
N ALA A 152 -8.46 14.26 -35.44
CA ALA A 152 -7.10 14.72 -35.26
C ALA A 152 -6.51 13.92 -34.13
N LEU A 153 -5.54 13.09 -34.44
CA LEU A 153 -5.00 12.24 -33.40
C LEU A 153 -4.38 13.10 -32.29
N GLN A 154 -5.06 13.16 -31.13
CA GLN A 154 -4.54 13.92 -29.99
C GLN A 154 -3.18 13.44 -29.51
N SER A 155 -2.57 14.21 -28.62
CA SER A 155 -1.29 13.83 -28.05
C SER A 155 -0.75 14.92 -27.15
N GLY A 156 -0.20 14.52 -26.00
CA GLY A 156 0.27 15.45 -25.00
C GLY A 156 -0.74 15.74 -23.89
N ASN A 157 -2.02 15.77 -24.23
CA ASN A 157 -3.08 16.20 -23.31
C ASN A 157 -3.62 15.12 -22.36
N SER A 158 -3.50 13.86 -22.75
CA SER A 158 -4.08 12.77 -21.96
C SER A 158 -3.20 12.17 -20.87
N GLN A 159 -3.85 11.54 -19.90
CA GLN A 159 -3.18 10.74 -18.86
C GLN A 159 -3.99 9.50 -18.50
N GLU A 160 -3.33 8.36 -18.38
CA GLU A 160 -3.97 7.09 -18.08
C GLU A 160 -3.74 6.75 -16.63
N SER A 161 -4.62 5.91 -16.05
CA SER A 161 -4.46 5.36 -14.70
C SER A 161 -5.04 3.95 -14.71
N VAL A 162 -4.37 2.97 -14.10
CA VAL A 162 -4.83 1.59 -14.13
C VAL A 162 -5.04 1.02 -12.76
N THR A 163 -6.14 0.35 -12.49
CA THR A 163 -6.34 -0.32 -11.19
C THR A 163 -5.41 -1.48 -10.98
N GLU A 164 -5.22 -1.89 -9.73
CA GLU A 164 -4.50 -3.13 -9.47
C GLU A 164 -5.42 -4.30 -9.79
N GLN A 165 -4.84 -5.48 -9.94
CA GLN A 165 -5.62 -6.63 -10.38
C GLN A 165 -6.73 -6.97 -9.41
N ASP A 166 -7.91 -7.23 -9.94
CA ASP A 166 -9.02 -7.61 -9.09
C ASP A 166 -8.79 -8.97 -8.38
N SER A 167 -9.09 -9.05 -7.08
CA SER A 167 -8.82 -10.26 -6.32
C SER A 167 -9.85 -11.37 -6.56
N LYS A 168 -10.89 -11.10 -7.36
CA LYS A 168 -11.97 -12.06 -7.59
C LYS A 168 -12.10 -12.46 -9.05
N ASP A 169 -12.24 -11.53 -9.99
CA ASP A 169 -12.20 -11.86 -11.43
C ASP A 169 -10.81 -11.71 -12.09
N SER A 170 -9.82 -11.18 -11.39
CA SER A 170 -8.46 -10.99 -11.94
C SER A 170 -8.30 -10.05 -13.12
N THR A 171 -9.17 -9.06 -13.24
CA THR A 171 -9.10 -8.17 -14.38
C THR A 171 -8.53 -6.82 -13.96
N TYR A 172 -8.28 -5.98 -14.95
CA TYR A 172 -7.90 -4.62 -14.73
C TYR A 172 -8.94 -3.71 -15.32
N SER A 173 -8.86 -2.45 -14.94
CA SER A 173 -9.61 -1.44 -15.61
C SER A 173 -8.71 -0.24 -15.67
N LEU A 174 -8.93 0.59 -16.67
CA LEU A 174 -8.00 1.64 -16.99
C LEU A 174 -8.82 2.84 -17.41
N SER A 175 -8.40 4.04 -17.03
CA SER A 175 -9.05 5.24 -17.55
C SER A 175 -8.05 6.10 -18.29
N SER A 176 -8.56 6.85 -19.26
CA SER A 176 -7.74 7.81 -19.95
C SER A 176 -8.48 9.10 -19.89
N THR A 177 -7.78 10.18 -19.54
CA THR A 177 -8.42 11.48 -19.42
C THR A 177 -7.74 12.51 -20.31
N LEU A 178 -8.52 13.03 -21.26
CA LEU A 178 -8.07 14.07 -22.14
C LEU A 178 -8.49 15.38 -21.51
N THR A 179 -7.55 16.29 -21.31
CA THR A 179 -7.88 17.55 -20.67
C THR A 179 -7.63 18.74 -21.59
N LEU A 180 -8.66 19.55 -21.80
CA LEU A 180 -8.55 20.74 -22.65
C LEU A 180 -9.09 22.00 -22.03
N SER A 181 -8.82 23.12 -22.70
CA SER A 181 -9.37 24.39 -22.31
C SER A 181 -10.83 24.44 -22.73
N LYS A 182 -11.63 25.23 -22.03
CA LYS A 182 -13.00 25.50 -22.45
C LYS A 182 -12.98 25.87 -23.93
N ALA A 183 -12.00 26.68 -24.30
CA ALA A 183 -11.83 27.17 -25.67
C ALA A 183 -11.67 26.07 -26.71
N ASP A 184 -10.66 25.22 -26.56
CA ASP A 184 -10.40 24.22 -27.58
C ASP A 184 -11.48 23.15 -27.58
N TYR A 185 -12.12 22.95 -26.43
CA TYR A 185 -13.23 22.04 -26.38
C TYR A 185 -14.40 22.58 -27.19
N GLU A 186 -14.70 23.86 -27.00
CA GLU A 186 -15.81 24.53 -27.69
C GLU A 186 -15.60 24.58 -29.21
N LYS A 187 -14.35 24.41 -29.65
CA LYS A 187 -14.04 24.36 -31.07
C LYS A 187 -14.72 23.21 -31.83
N HIS A 188 -14.37 21.98 -31.43
CA HIS A 188 -14.69 20.78 -32.22
C HIS A 188 -15.93 20.09 -31.73
N LYS A 189 -16.32 19.05 -32.46
CA LYS A 189 -17.63 18.46 -32.31
C LYS A 189 -17.56 16.99 -31.97
N VAL A 190 -16.59 16.31 -32.60
CA VAL A 190 -16.50 14.86 -32.49
C VAL A 190 -15.32 14.42 -31.66
N TYR A 191 -15.65 13.81 -30.52
CA TYR A 191 -14.66 13.31 -29.59
C TYR A 191 -14.78 11.81 -29.49
N ALA A 192 -13.71 11.11 -29.84
CA ALA A 192 -13.69 9.66 -29.72
C ALA A 192 -12.41 9.16 -29.11
N CYS A 193 -12.46 7.96 -28.54
CA CYS A 193 -11.26 7.28 -28.16
C CYS A 193 -11.30 5.90 -28.78
N GLU A 194 -10.14 5.44 -29.22
CA GLU A 194 -10.02 4.23 -29.99
C GLU A 194 -9.13 3.32 -29.17
N VAL A 195 -9.64 2.12 -28.91
CA VAL A 195 -8.95 1.15 -28.06
C VAL A 195 -8.52 -0.10 -28.82
N THR A 196 -7.30 -0.56 -28.58
CA THR A 196 -6.92 -1.86 -29.11
C THR A 196 -6.41 -2.70 -27.96
N HIS A 197 -6.57 -4.01 -28.08
CA HIS A 197 -6.24 -4.90 -27.00
C HIS A 197 -6.18 -6.29 -27.55
N GLN A 198 -5.36 -7.11 -26.96
CA GLN A 198 -5.28 -8.52 -27.28
C GLN A 198 -6.57 -9.28 -27.62
N GLY A 199 -7.66 -8.95 -26.94
CA GLY A 199 -8.91 -9.70 -27.02
C GLY A 199 -9.89 -8.99 -27.92
N LEU A 200 -9.46 -7.88 -28.53
CA LEU A 200 -10.23 -7.26 -29.60
C LEU A 200 -9.63 -7.59 -30.95
N SER A 201 -10.44 -8.11 -31.85
CA SER A 201 -9.98 -8.46 -33.19
C SER A 201 -10.03 -7.29 -34.15
N SER A 202 -10.61 -6.20 -33.69
CA SER A 202 -10.36 -4.92 -34.29
C SER A 202 -10.72 -3.81 -33.30
N PRO A 203 -10.23 -2.59 -33.57
CA PRO A 203 -10.25 -1.53 -32.58
C PRO A 203 -11.66 -1.18 -32.28
N VAL A 204 -11.95 -0.88 -31.02
CA VAL A 204 -13.24 -0.43 -30.60
C VAL A 204 -13.12 1.06 -30.49
N THR A 205 -14.06 1.78 -31.10
CA THR A 205 -14.13 3.22 -30.96
C THR A 205 -15.43 3.65 -30.28
N LYS A 206 -15.36 4.48 -29.25
CA LYS A 206 -16.55 5.07 -28.66
C LYS A 206 -16.46 6.59 -28.78
N SER A 207 -17.41 7.18 -29.49
CA SER A 207 -17.30 8.57 -29.88
C SER A 207 -18.48 9.32 -29.33
N PHE A 208 -18.49 10.63 -29.51
CA PHE A 208 -19.67 11.39 -29.16
C PHE A 208 -19.61 12.79 -29.74
N ASN A 209 -20.78 13.43 -29.79
CA ASN A 209 -20.97 14.77 -30.32
C ASN A 209 -21.50 15.72 -29.27
N ARG A 210 -20.71 16.72 -28.92
CA ARG A 210 -21.17 17.84 -28.08
C ARG A 210 -22.66 18.14 -28.32
N GLY A 211 -23.57 17.32 -27.78
CA GLY A 211 -24.98 17.39 -28.13
C GLY A 211 -25.89 16.52 -27.26
N PCA B 1 -9.72 -7.57 20.06
CA PCA B 1 -9.00 -7.35 18.82
CB PCA B 1 -10.06 -7.06 17.73
CG PCA B 1 -11.08 -6.19 18.48
CD PCA B 1 -10.78 -6.63 19.90
OE PCA B 1 -11.37 -6.22 20.88
C PCA B 1 -7.94 -6.30 19.01
O PCA B 1 -8.23 -5.22 19.51
H1 PCA B 1 -9.38 -7.88 21.03
HA PCA B 1 -8.49 -8.27 18.57
HB2 PCA B 1 -9.62 -6.51 16.91
HB3 PCA B 1 -10.51 -7.97 17.38
HG2 PCA B 1 -10.87 -5.14 18.36
HG3 PCA B 1 -12.09 -6.42 18.21
N VAL B 2 -6.71 -6.65 18.63
CA VAL B 2 -5.57 -5.74 18.63
C VAL B 2 -5.75 -4.67 17.55
N GLN B 3 -5.43 -3.42 17.86
CA GLN B 3 -5.66 -2.36 16.89
C GLN B 3 -4.64 -1.27 17.06
N LEU B 4 -4.13 -0.80 15.92
CA LEU B 4 -3.14 0.26 15.87
C LEU B 4 -3.68 1.37 15.00
N GLN B 5 -4.11 2.42 15.68
CA GLN B 5 -4.78 3.50 15.03
C GLN B 5 -3.82 4.66 14.85
N GLN B 6 -3.43 4.90 13.61
CA GLN B 6 -2.47 5.93 13.26
C GLN B 6 -3.15 7.23 12.89
N SER B 7 -2.42 8.33 13.04
CA SER B 7 -2.94 9.64 12.73
C SER B 7 -2.99 9.91 11.22
N GLY B 8 -3.78 10.94 10.85
CA GLY B 8 -4.12 11.22 9.48
C GLY B 8 -2.97 11.69 8.63
N PRO B 9 -3.25 11.94 7.35
CA PRO B 9 -2.26 12.41 6.39
C PRO B 9 -1.68 13.76 6.82
N GLU B 10 -0.39 13.94 6.62
CA GLU B 10 0.22 15.19 6.96
C GLU B 10 0.76 15.80 5.68
N LEU B 11 0.89 17.14 5.72
CA LEU B 11 1.55 17.94 4.68
C LEU B 11 2.42 18.94 5.42
N GLU B 12 3.70 18.95 5.05
CA GLU B 12 4.70 19.74 5.75
C GLU B 12 5.64 20.37 4.76
N LYS B 13 6.13 21.57 5.06
CA LYS B 13 7.07 22.24 4.19
C LYS B 13 8.45 21.70 4.44
N PRO B 14 9.27 21.66 3.38
CA PRO B 14 10.63 21.18 3.53
C PRO B 14 11.26 21.83 4.75
N GLY B 15 11.94 21.09 5.61
CA GLY B 15 12.56 21.71 6.77
C GLY B 15 11.74 21.73 8.06
N ALA B 16 10.44 21.50 7.96
CA ALA B 16 9.63 21.42 9.16
C ALA B 16 9.78 19.99 9.74
N SER B 17 9.25 19.78 10.93
CA SER B 17 9.23 18.48 11.51
C SER B 17 7.79 18.15 11.71
N VAL B 18 7.48 16.84 11.84
CA VAL B 18 6.12 16.41 12.18
C VAL B 18 6.08 15.18 13.10
N LYS B 19 5.22 15.22 14.10
CA LYS B 19 5.06 14.10 15.02
C LYS B 19 3.80 13.25 14.74
N ILE B 20 4.02 12.04 14.25
CA ILE B 20 2.90 11.13 13.97
C ILE B 20 2.71 10.15 15.11
N SER B 21 1.49 9.62 15.22
CA SER B 21 1.17 8.81 16.37
C SER B 21 0.48 7.47 16.03
N CYS B 22 0.43 6.60 17.01
CA CYS B 22 -0.06 5.25 16.87
C CYS B 22 -0.67 4.85 18.18
N LYS B 23 -1.98 4.79 18.31
CA LYS B 23 -2.56 4.34 19.58
C LYS B 23 -2.98 2.90 19.55
N ALA B 24 -2.39 2.13 20.46
CA ALA B 24 -2.65 0.73 20.57
C ALA B 24 -3.81 0.44 21.52
N SER B 25 -4.71 -0.47 21.12
CA SER B 25 -5.71 -1.04 22.04
C SER B 25 -5.78 -2.56 21.90
N GLY B 26 -6.45 -3.23 22.84
CA GLY B 26 -6.70 -4.65 22.72
C GLY B 26 -5.56 -5.52 23.19
N TYR B 27 -4.47 -4.93 23.68
CA TYR B 27 -3.49 -5.77 24.36
C TYR B 27 -2.79 -4.99 25.38
N SER B 28 -1.83 -5.65 26.04
CA SER B 28 -0.98 -4.96 27.00
C SER B 28 0.19 -4.27 26.30
N PHE B 29 0.00 -2.98 26.07
CA PHE B 29 1.01 -2.09 25.42
C PHE B 29 2.47 -2.38 25.78
N THR B 30 2.76 -2.55 27.07
CA THR B 30 4.16 -2.80 27.46
C THR B 30 4.63 -4.23 27.21
N GLY B 31 3.72 -5.18 26.93
CA GLY B 31 4.10 -6.54 26.56
C GLY B 31 4.82 -6.78 25.24
N TYR B 32 4.81 -5.81 24.32
CA TYR B 32 5.32 -6.01 22.97
C TYR B 32 6.12 -4.80 22.50
N THR B 33 7.16 -5.04 21.70
CA THR B 33 7.88 -3.93 21.12
C THR B 33 6.94 -3.28 20.14
N MET B 34 7.17 -2.01 19.86
CA MET B 34 6.50 -1.33 18.77
C MET B 34 7.53 -0.83 17.73
N ASN B 35 7.24 -1.06 16.45
CA ASN B 35 8.16 -0.84 15.37
C ASN B 35 7.59 0.17 14.41
N TRP B 36 8.48 0.88 13.73
CA TRP B 36 8.03 1.78 12.66
C TRP B 36 8.68 1.42 11.32
N VAL B 37 7.94 1.58 10.23
CA VAL B 37 8.41 1.18 8.91
C VAL B 37 8.05 2.26 7.94
N LYS B 38 8.88 2.44 6.94
CA LYS B 38 8.61 3.44 5.94
C LYS B 38 8.43 2.77 4.63
N GLN B 39 7.49 3.23 3.82
CA GLN B 39 7.37 2.64 2.50
C GLN B 39 7.24 3.75 1.49
N SER B 40 8.14 3.83 0.53
CA SER B 40 8.05 4.97 -0.37
C SER B 40 7.06 4.65 -1.48
N HIS B 41 6.27 5.63 -1.90
CA HIS B 41 5.20 5.32 -2.83
C HIS B 41 5.79 4.43 -3.90
N GLY B 42 5.22 3.23 -4.00
CA GLY B 42 5.61 2.32 -5.06
C GLY B 42 6.90 1.55 -4.77
N LYS B 43 7.24 1.41 -3.49
CA LYS B 43 8.56 0.93 -3.14
C LYS B 43 8.56 -0.13 -2.07
N SER B 44 9.78 -0.35 -1.56
CA SER B 44 9.98 -1.36 -0.60
C SER B 44 9.82 -0.79 0.76
N LEU B 45 10.09 -1.65 1.72
CA LEU B 45 9.85 -1.36 3.10
C LEU B 45 11.22 -1.21 3.76
N GLU B 46 11.29 -0.27 4.68
CA GLU B 46 12.49 -0.05 5.43
C GLU B 46 12.14 0.06 6.86
N TRP B 47 12.91 -0.64 7.66
CA TRP B 47 12.71 -0.57 9.07
C TRP B 47 13.41 0.67 9.67
N ILE B 48 12.63 1.47 10.40
CA ILE B 48 13.12 2.69 11.00
C ILE B 48 13.71 2.41 12.35
N GLY B 49 12.98 1.70 13.21
CA GLY B 49 13.48 1.28 14.51
C GLY B 49 12.36 0.80 15.42
N LEU B 50 12.68 0.48 16.66
CA LEU B 50 11.65 0.05 17.59
C LEU B 50 11.88 0.57 19.00
N ILE B 51 10.91 0.33 19.85
CA ILE B 51 10.97 0.78 21.19
C ILE B 51 10.16 -0.18 22.11
N THR B 52 10.63 -0.41 23.33
CA THR B 52 9.87 -1.08 24.33
C THR B 52 9.21 -0.09 25.24
N PRO B 53 7.87 -0.07 25.29
CA PRO B 53 7.21 1.03 26.00
C PRO B 53 7.45 1.03 27.47
N TYR B 54 7.74 -0.09 28.12
CA TYR B 54 7.78 -0.06 29.57
C TYR B 54 8.76 0.96 30.15
N ASN B 55 9.99 0.96 29.64
CA ASN B 55 11.08 1.76 30.12
C ASN B 55 11.50 2.75 29.03
N GLY B 56 10.97 2.62 27.82
CA GLY B 56 11.29 3.59 26.80
C GLY B 56 12.61 3.37 26.06
N ALA B 57 13.32 2.29 26.38
CA ALA B 57 14.47 1.93 25.59
C ALA B 57 14.10 1.86 24.10
N SER B 58 15.06 2.13 23.23
CA SER B 58 14.79 2.17 21.80
C SER B 58 16.02 1.75 20.98
N SER B 59 15.80 1.43 19.73
CA SER B 59 16.89 1.07 18.86
C SER B 59 16.57 1.51 17.46
N TYR B 60 17.53 2.09 16.73
CA TYR B 60 17.23 2.60 15.37
C TYR B 60 18.09 1.98 14.30
N ASN B 61 17.53 1.92 13.11
CA ASN B 61 18.29 1.72 11.92
C ASN B 61 19.19 2.98 11.79
N GLN B 62 20.50 2.79 11.66
CA GLN B 62 21.40 3.92 11.48
C GLN B 62 20.90 4.94 10.48
N LYS B 63 20.42 4.49 9.33
CA LYS B 63 19.93 5.42 8.32
C LYS B 63 18.91 6.38 8.83
N PHE B 64 18.19 6.03 9.86
CA PHE B 64 17.17 6.94 10.33
C PHE B 64 17.56 7.71 11.56
N ARG B 65 18.77 7.51 12.04
CA ARG B 65 19.20 8.25 13.23
C ARG B 65 19.29 9.71 12.91
N GLY B 66 18.70 10.50 13.77
CA GLY B 66 18.51 11.91 13.51
C GLY B 66 17.28 12.29 12.75
N LYS B 67 16.96 11.54 11.70
CA LYS B 67 15.74 11.77 10.97
C LYS B 67 14.54 11.50 11.85
N ALA B 68 14.62 10.46 12.67
CA ALA B 68 13.45 10.03 13.43
C ALA B 68 13.69 9.88 14.92
N THR B 69 12.68 10.20 15.72
CA THR B 69 12.78 10.01 17.15
C THR B 69 11.60 9.23 17.70
N LEU B 70 11.85 8.07 18.31
CA LEU B 70 10.72 7.28 18.81
C LEU B 70 10.48 7.52 20.28
N THR B 71 9.21 7.74 20.65
CA THR B 71 8.79 7.89 22.05
C THR B 71 7.48 7.16 22.30
N VAL B 72 7.07 7.06 23.56
CA VAL B 72 5.75 6.53 23.87
C VAL B 72 5.13 7.29 25.02
N ASP B 73 3.80 7.24 25.11
CA ASP B 73 3.08 7.63 26.32
C ASP B 73 2.28 6.42 26.84
N LYS B 74 2.81 5.74 27.85
CA LYS B 74 2.19 4.51 28.37
C LYS B 74 0.77 4.76 28.78
N SER B 75 0.50 5.91 29.37
CA SER B 75 -0.80 6.07 30.01
C SER B 75 -1.89 6.23 28.96
N SER B 76 -1.52 6.49 27.71
CA SER B 76 -2.54 6.42 26.65
C SER B 76 -2.25 5.30 25.63
N SER B 77 -1.34 4.40 25.98
CA SER B 77 -0.92 3.33 25.12
C SER B 77 -0.73 3.87 23.72
N THR B 78 -0.05 4.99 23.62
CA THR B 78 0.25 5.58 22.33
C THR B 78 1.76 5.64 22.10
N ALA B 79 2.18 5.26 20.90
CA ALA B 79 3.55 5.39 20.43
C ALA B 79 3.66 6.54 19.39
N TYR B 80 4.80 7.22 19.36
CA TYR B 80 4.97 8.42 18.53
C TYR B 80 6.27 8.37 17.76
N MET B 81 6.30 9.01 16.62
CA MET B 81 7.55 9.12 15.90
C MET B 81 7.71 10.51 15.38
N ASP B 82 8.78 11.17 15.79
CA ASP B 82 9.00 12.50 15.32
C ASP B 82 9.86 12.49 14.09
N LEU B 83 9.43 13.12 13.02
CA LEU B 83 10.29 13.18 11.84
C LEU B 83 10.84 14.61 11.62
N LEU B 84 12.15 14.77 11.69
CA LEU B 84 12.75 16.09 11.70
C LEU B 84 13.28 16.59 10.38
N SER B 85 13.31 17.91 10.25
CA SER B 85 13.99 18.54 9.14
C SER B 85 13.67 17.86 7.81
N LEU B 86 12.41 17.91 7.44
CA LEU B 86 11.91 17.09 6.36
C LEU B 86 12.34 17.55 4.99
N THR B 87 12.63 16.59 4.14
CA THR B 87 12.85 16.89 2.73
C THR B 87 11.89 16.05 1.93
N SER B 88 11.91 16.26 0.63
CA SER B 88 11.00 15.54 -0.22
C SER B 88 11.28 14.03 -0.14
N GLU B 89 12.47 13.63 0.26
CA GLU B 89 12.76 12.20 0.32
C GLU B 89 12.16 11.55 1.50
N ASP B 90 11.56 12.33 2.38
CA ASP B 90 10.81 11.77 3.49
C ASP B 90 9.35 11.59 3.13
N SER B 91 8.90 12.14 2.01
CA SER B 91 7.52 11.90 1.55
C SER B 91 7.36 10.41 1.38
N ALA B 92 6.44 9.78 2.14
CA ALA B 92 6.24 8.32 2.13
C ALA B 92 5.04 7.97 2.98
N VAL B 93 4.68 6.68 3.08
CA VAL B 93 3.70 6.21 4.05
C VAL B 93 4.50 5.60 5.19
N TYR B 94 4.15 5.93 6.43
CA TYR B 94 4.83 5.38 7.60
C TYR B 94 3.89 4.52 8.39
N PHE B 95 4.28 3.28 8.65
CA PHE B 95 3.49 2.35 9.45
C PHE B 95 4.04 2.16 10.87
N CYS B 96 3.16 1.91 11.84
CA CYS B 96 3.62 1.23 13.04
C CYS B 96 3.15 -0.21 12.98
N ALA B 97 3.89 -1.08 13.65
CA ALA B 97 3.61 -2.47 13.62
C ALA B 97 4.10 -3.07 14.92
N ARG B 98 3.27 -3.89 15.55
CA ARG B 98 3.65 -4.49 16.80
C ARG B 98 4.52 -5.70 16.52
N GLY B 99 5.57 -5.88 17.31
CA GLY B 99 6.38 -7.06 17.14
C GLY B 99 5.72 -8.21 17.84
N GLY B 100 5.45 -9.29 17.12
CA GLY B 100 4.92 -10.49 17.73
C GLY B 100 5.80 -11.04 18.87
N TYR B 101 5.19 -11.76 19.79
CA TYR B 101 5.89 -12.38 20.88
C TYR B 101 7.17 -13.09 20.41
N ASP B 102 8.25 -12.92 21.16
CA ASP B 102 9.51 -13.64 20.91
C ASP B 102 10.01 -13.53 19.48
N GLY B 103 9.94 -12.34 18.90
CA GLY B 103 10.62 -12.06 17.65
C GLY B 103 9.93 -12.57 16.40
N ARG B 104 8.64 -12.89 16.51
CA ARG B 104 7.96 -13.50 15.36
C ARG B 104 7.45 -12.44 14.43
N GLY B 105 8.37 -11.61 13.92
CA GLY B 105 8.03 -10.63 12.91
C GLY B 105 7.10 -9.58 13.46
N PHE B 106 6.45 -8.85 12.57
CA PHE B 106 5.48 -7.83 12.96
C PHE B 106 4.04 -8.39 12.77
N ASP B 107 3.33 -8.69 13.86
CA ASP B 107 2.09 -9.43 13.74
C ASP B 107 0.84 -8.55 13.60
N TYR B 108 0.95 -7.27 13.93
CA TYR B 108 -0.14 -6.38 13.66
C TYR B 108 0.40 -5.08 13.15
N TRP B 109 -0.26 -4.52 12.16
CA TRP B 109 0.18 -3.31 11.54
C TRP B 109 -0.91 -2.33 11.56
N GLY B 110 -0.49 -1.07 11.65
CA GLY B 110 -1.42 0.01 11.53
C GLY B 110 -1.70 0.30 10.08
N SER B 111 -2.68 1.14 9.89
CA SER B 111 -3.22 1.46 8.59
C SER B 111 -2.23 2.29 7.76
N GLY B 112 -1.30 2.98 8.41
CA GLY B 112 -0.32 3.79 7.70
C GLY B 112 -0.64 5.29 7.76
N THR B 113 0.39 6.12 7.88
CA THR B 113 0.21 7.56 7.86
C THR B 113 0.94 8.07 6.63
N PRO B 114 0.23 8.66 5.67
CA PRO B 114 0.95 9.21 4.53
C PRO B 114 1.44 10.61 4.84
N VAL B 115 2.74 10.84 4.63
CA VAL B 115 3.30 12.15 4.81
C VAL B 115 3.87 12.71 3.51
N THR B 116 3.42 13.90 3.15
CA THR B 116 3.84 14.57 1.94
C THR B 116 4.66 15.82 2.28
N VAL B 117 5.90 15.88 1.80
CA VAL B 117 6.74 17.06 2.01
C VAL B 117 6.86 17.93 0.74
N SER B 118 6.15 19.05 0.68
CA SER B 118 6.25 19.95 -0.45
C SER B 118 6.01 21.43 -0.10
N SER B 119 6.37 22.31 -1.02
CA SER B 119 6.16 23.76 -0.83
C SER B 119 4.74 24.18 -1.16
N ALA B 120 4.05 23.38 -1.96
CA ALA B 120 2.72 23.76 -2.41
C ALA B 120 1.76 23.64 -1.25
N SER B 121 0.58 24.19 -1.48
CA SER B 121 -0.35 24.39 -0.42
C SER B 121 -1.53 23.48 -0.65
N THR B 122 -2.18 23.13 0.43
CA THR B 122 -3.43 22.40 0.37
C THR B 122 -4.48 23.00 -0.58
N LYS B 123 -5.00 22.19 -1.50
CA LYS B 123 -6.23 22.52 -2.23
C LYS B 123 -7.14 21.33 -2.26
N GLY B 124 -8.43 21.61 -2.16
CA GLY B 124 -9.41 20.56 -2.16
C GLY B 124 -9.97 20.34 -3.54
N PRO B 125 -10.40 19.12 -3.79
CA PRO B 125 -10.96 18.69 -5.07
C PRO B 125 -12.25 19.40 -5.43
N SER B 126 -12.45 19.65 -6.72
CA SER B 126 -13.80 19.85 -7.27
C SER B 126 -14.25 18.47 -7.80
N VAL B 127 -15.55 18.20 -7.73
CA VAL B 127 -16.03 16.84 -7.92
C VAL B 127 -17.15 16.78 -8.94
N PHE B 128 -16.82 16.34 -10.15
CA PHE B 128 -17.79 16.36 -11.24
C PHE B 128 -18.29 14.96 -11.59
N PRO B 129 -19.53 14.88 -12.07
CA PRO B 129 -20.18 13.62 -12.39
C PRO B 129 -19.73 13.05 -13.73
N LEU B 130 -19.56 11.75 -13.75
CA LEU B 130 -19.38 11.02 -14.99
C LEU B 130 -20.67 10.27 -15.19
N ALA B 131 -21.51 10.82 -16.06
CA ALA B 131 -22.87 10.37 -16.15
C ALA B 131 -23.08 9.46 -17.33
N PRO B 132 -23.90 8.43 -17.14
CA PRO B 132 -24.34 7.44 -18.12
C PRO B 132 -25.28 7.98 -19.22
N SER B 133 -25.60 7.14 -20.20
CA SER B 133 -26.49 7.55 -21.30
C SER B 133 -26.95 6.37 -22.16
N SER B 134 -27.23 6.65 -23.43
CA SER B 134 -27.23 5.59 -24.43
C SER B 134 -25.81 5.43 -25.03
N LYS B 135 -24.88 6.32 -24.62
CA LYS B 135 -23.42 6.20 -24.88
C LYS B 135 -22.73 5.50 -23.70
N SER B 136 -23.56 4.99 -22.79
CA SER B 136 -23.12 4.17 -21.67
C SER B 136 -24.12 2.99 -21.41
N THR B 137 -24.78 2.50 -22.49
CA THR B 137 -25.68 1.32 -22.44
C THR B 137 -25.12 0.04 -23.13
N SER B 138 -24.44 -0.81 -22.35
CA SER B 138 -23.85 -2.07 -22.86
C SER B 138 -24.80 -3.24 -22.54
N GLY B 139 -25.89 -3.34 -23.30
CA GLY B 139 -26.83 -4.45 -23.16
C GLY B 139 -27.55 -4.52 -21.84
N GLY B 140 -27.83 -3.37 -21.22
CA GLY B 140 -28.48 -3.37 -19.93
C GLY B 140 -27.50 -3.29 -18.78
N THR B 141 -26.21 -3.07 -19.10
CA THR B 141 -25.21 -2.67 -18.09
C THR B 141 -24.57 -1.32 -18.43
N ALA B 142 -24.66 -0.39 -17.49
CA ALA B 142 -24.23 0.97 -17.71
C ALA B 142 -23.08 1.37 -16.78
N ALA B 143 -22.32 2.37 -17.18
CA ALA B 143 -21.22 2.84 -16.36
C ALA B 143 -21.39 4.32 -15.96
N LEU B 144 -20.97 4.64 -14.74
CA LEU B 144 -21.04 6.00 -14.25
C LEU B 144 -19.97 6.17 -13.19
N GLY B 145 -19.69 7.42 -12.82
CA GLY B 145 -18.63 7.65 -11.87
C GLY B 145 -18.47 9.10 -11.51
N CYS B 146 -17.45 9.38 -10.69
CA CYS B 146 -17.11 10.73 -10.31
C CYS B 146 -15.69 11.04 -10.70
N LEU B 147 -15.49 12.28 -11.14
CA LEU B 147 -14.17 12.81 -11.44
C LEU B 147 -13.81 13.80 -10.36
N VAL B 148 -12.66 13.61 -9.75
CA VAL B 148 -12.27 14.36 -8.57
C VAL B 148 -11.01 15.13 -8.90
N LYS B 149 -11.15 16.38 -9.32
CA LYS B 149 -10.06 17.05 -10.02
C LYS B 149 -9.33 18.11 -9.18
N ASP B 150 -8.02 18.23 -9.42
CA ASP B 150 -7.25 19.37 -8.94
C ASP B 150 -7.22 19.49 -7.42
N TYR B 151 -6.42 18.68 -6.77
CA TYR B 151 -6.38 18.70 -5.31
C TYR B 151 -5.00 18.32 -4.81
N PHE B 152 -4.77 18.53 -3.52
CA PHE B 152 -3.45 18.35 -2.98
C PHE B 152 -3.52 18.58 -1.49
N PRO B 153 -2.84 17.75 -0.71
CA PRO B 153 -2.06 16.58 -1.09
C PRO B 153 -2.92 15.31 -1.25
N GLU B 154 -2.28 14.18 -1.53
CA GLU B 154 -2.89 12.87 -1.36
C GLU B 154 -2.97 12.54 0.13
N PRO B 155 -3.91 11.70 0.53
CA PRO B 155 -4.83 11.01 -0.37
C PRO B 155 -6.24 11.54 -0.21
N VAL B 156 -7.08 11.16 -1.16
CA VAL B 156 -8.53 11.31 -1.01
C VAL B 156 -9.18 9.94 -0.95
N THR B 157 -10.30 9.93 -0.24
CA THR B 157 -11.13 8.77 -0.11
C THR B 157 -12.33 8.87 -1.03
N VAL B 158 -12.79 7.74 -1.57
CA VAL B 158 -14.11 7.69 -2.19
C VAL B 158 -14.81 6.42 -1.82
N SER B 159 -16.11 6.53 -1.63
CA SER B 159 -16.98 5.38 -1.50
C SER B 159 -18.25 5.76 -2.21
N TRP B 160 -19.17 4.82 -2.38
CA TRP B 160 -20.40 5.08 -3.09
C TRP B 160 -21.60 4.72 -2.22
N ASN B 161 -22.60 5.61 -2.21
CA ASN B 161 -23.77 5.40 -1.38
C ASN B 161 -23.35 5.05 0.03
N SER B 162 -22.30 5.73 0.50
CA SER B 162 -21.88 5.64 1.89
C SER B 162 -21.51 4.20 2.32
N GLY B 163 -20.74 3.51 1.46
CA GLY B 163 -20.32 2.14 1.73
C GLY B 163 -21.32 1.10 1.28
N ALA B 164 -22.54 1.56 0.98
CA ALA B 164 -23.63 0.65 0.65
C ALA B 164 -23.32 -0.15 -0.58
N LEU B 165 -22.59 0.51 -1.49
CA LEU B 165 -22.35 0.02 -2.83
C LEU B 165 -20.87 -0.25 -3.03
N THR B 166 -20.50 -1.50 -3.20
CA THR B 166 -19.09 -1.84 -3.36
C THR B 166 -18.87 -2.67 -4.62
N SER B 167 -19.80 -3.58 -4.88
CA SER B 167 -19.71 -4.43 -6.04
C SER B 167 -19.72 -3.60 -7.32
N GLY B 168 -18.74 -3.85 -8.18
CA GLY B 168 -18.63 -3.14 -9.43
C GLY B 168 -17.68 -1.94 -9.42
N VAL B 169 -17.22 -1.51 -8.24
CA VAL B 169 -16.52 -0.24 -8.14
C VAL B 169 -15.04 -0.32 -8.48
N HIS B 170 -14.58 0.70 -9.19
CA HIS B 170 -13.18 0.87 -9.47
C HIS B 170 -12.81 2.30 -9.14
N THR B 171 -12.02 2.49 -8.09
CA THR B 171 -11.47 3.80 -7.86
C THR B 171 -10.01 3.80 -8.31
N PHE B 172 -9.70 4.68 -9.24
CA PHE B 172 -8.41 4.69 -9.89
C PHE B 172 -7.39 5.39 -9.07
N PRO B 173 -6.13 5.02 -9.25
CA PRO B 173 -5.01 5.77 -8.72
C PRO B 173 -5.01 7.22 -9.15
N ALA B 174 -4.79 8.09 -8.17
CA ALA B 174 -4.60 9.50 -8.42
C ALA B 174 -3.46 9.66 -9.39
N VAL B 175 -3.55 10.69 -10.22
CA VAL B 175 -2.53 10.94 -11.20
C VAL B 175 -2.03 12.35 -10.98
N LEU B 176 -0.72 12.55 -11.07
CA LEU B 176 -0.18 13.86 -10.85
C LEU B 176 -0.22 14.69 -12.13
N GLN B 177 -1.09 15.69 -12.15
CA GLN B 177 -1.17 16.55 -13.31
C GLN B 177 0.00 17.51 -13.37
N SER B 178 0.16 18.12 -14.54
CA SER B 178 1.15 19.17 -14.75
C SER B 178 0.85 20.31 -13.82
N SER B 179 -0.45 20.56 -13.62
CA SER B 179 -0.92 21.56 -12.69
C SER B 179 -0.08 21.46 -11.44
N GLY B 180 0.40 20.24 -11.17
CA GLY B 180 1.10 19.95 -9.94
C GLY B 180 0.10 19.44 -8.92
N LEU B 181 -1.16 19.35 -9.34
CA LEU B 181 -2.23 18.80 -8.53
C LEU B 181 -2.63 17.39 -8.98
N TYR B 182 -3.37 16.74 -8.09
CA TYR B 182 -3.78 15.38 -8.28
C TYR B 182 -5.18 15.34 -8.81
N SER B 183 -5.53 14.20 -9.35
CA SER B 183 -6.82 14.01 -9.91
C SER B 183 -7.04 12.53 -10.13
N LEU B 184 -8.28 12.10 -9.94
CA LEU B 184 -8.60 10.71 -10.16
C LEU B 184 -10.08 10.53 -10.38
N SER B 185 -10.46 9.38 -10.90
CA SER B 185 -11.86 9.08 -11.12
C SER B 185 -12.22 7.86 -10.36
N SER B 186 -13.49 7.78 -9.99
CA SER B 186 -14.02 6.57 -9.44
C SER B 186 -15.20 6.19 -10.31
N VAL B 187 -15.28 4.93 -10.69
CA VAL B 187 -16.42 4.47 -11.47
C VAL B 187 -17.08 3.20 -10.93
N VAL B 188 -18.24 2.90 -11.48
CA VAL B 188 -18.97 1.72 -11.06
C VAL B 188 -19.94 1.34 -12.17
N THR B 189 -20.04 0.05 -12.45
CA THR B 189 -20.98 -0.44 -13.45
C THR B 189 -22.22 -0.96 -12.74
N VAL B 190 -23.38 -0.82 -13.40
CA VAL B 190 -24.69 -1.16 -12.86
C VAL B 190 -25.58 -1.65 -14.00
N PRO B 191 -26.77 -2.19 -13.68
CA PRO B 191 -27.67 -2.50 -14.80
C PRO B 191 -28.43 -1.24 -15.23
N SER B 192 -28.85 -1.17 -16.49
CA SER B 192 -29.50 0.03 -17.02
C SER B 192 -30.87 0.18 -16.36
N SER B 193 -31.55 -0.94 -16.20
CA SER B 193 -32.90 -0.96 -15.66
C SER B 193 -32.99 -0.33 -14.27
N SER B 194 -31.85 -0.19 -13.61
CA SER B 194 -31.81 0.34 -12.24
C SER B 194 -31.72 1.87 -12.16
N LEU B 195 -31.50 2.53 -13.29
CA LEU B 195 -31.21 3.97 -13.31
C LEU B 195 -32.43 4.81 -12.91
N GLY B 196 -33.57 4.54 -13.54
CA GLY B 196 -34.78 5.22 -13.18
C GLY B 196 -34.88 5.29 -11.66
N THR B 197 -35.06 4.12 -11.06
CA THR B 197 -35.25 4.00 -9.62
C THR B 197 -34.02 4.44 -8.83
N GLN B 198 -33.01 3.59 -8.83
CA GLN B 198 -31.85 3.80 -7.97
C GLN B 198 -31.16 5.15 -8.24
N THR B 199 -30.70 5.78 -7.16
CA THR B 199 -29.95 7.02 -7.27
C THR B 199 -28.55 6.83 -6.64
N TYR B 200 -27.52 7.30 -7.33
CA TYR B 200 -26.16 7.02 -6.94
C TYR B 200 -25.38 8.28 -6.52
N ILE B 201 -24.67 8.16 -5.40
CA ILE B 201 -23.90 9.25 -4.85
C ILE B 201 -22.49 8.80 -4.52
N CYS B 202 -21.50 9.51 -5.02
CA CYS B 202 -20.14 9.27 -4.56
C CYS B 202 -19.87 10.17 -3.39
N ASN B 203 -19.13 9.61 -2.44
CA ASN B 203 -18.76 10.33 -1.24
C ASN B 203 -17.24 10.56 -1.26
N VAL B 204 -16.84 11.83 -1.22
CA VAL B 204 -15.44 12.20 -1.31
C VAL B 204 -14.96 12.78 0.01
N ASN B 205 -13.95 12.15 0.59
CA ASN B 205 -13.29 12.74 1.75
C ASN B 205 -11.84 13.07 1.40
N HIS B 206 -11.44 14.29 1.74
CA HIS B 206 -10.06 14.75 1.61
C HIS B 206 -9.69 15.41 2.94
N LYS B 207 -9.06 14.63 3.80
CA LYS B 207 -8.76 15.07 5.15
C LYS B 207 -7.89 16.34 5.21
N PRO B 208 -6.89 16.48 4.31
CA PRO B 208 -6.03 17.69 4.36
C PRO B 208 -6.73 19.06 4.20
N SER B 209 -7.65 19.19 3.24
CA SER B 209 -8.36 20.44 3.04
C SER B 209 -9.73 20.44 3.70
N ASN B 210 -9.99 19.40 4.49
CA ASN B 210 -11.27 19.28 5.17
C ASN B 210 -12.38 19.41 4.18
N THR B 211 -12.36 18.53 3.18
CA THR B 211 -13.38 18.53 2.17
C THR B 211 -14.13 17.20 2.23
N LYS B 212 -15.45 17.28 2.40
CA LYS B 212 -16.32 16.11 2.42
C LYS B 212 -17.49 16.37 1.47
N VAL B 213 -17.58 15.60 0.39
CA VAL B 213 -18.45 15.96 -0.75
C VAL B 213 -19.23 14.79 -1.37
N ASP B 214 -20.55 14.97 -1.49
CA ASP B 214 -21.43 13.95 -2.05
C ASP B 214 -22.06 14.43 -3.36
N LYS B 215 -21.64 13.85 -4.49
CA LYS B 215 -22.23 14.20 -5.78
C LYS B 215 -23.28 13.17 -6.20
N LYS B 216 -24.54 13.62 -6.33
CA LYS B 216 -25.60 12.83 -6.95
C LYS B 216 -25.24 12.71 -8.41
N VAL B 217 -25.19 11.50 -8.94
CA VAL B 217 -24.88 11.31 -10.36
C VAL B 217 -26.08 10.77 -11.10
N GLU B 218 -26.56 11.54 -12.08
CA GLU B 218 -27.76 11.16 -12.81
C GLU B 218 -27.50 11.31 -14.30
N PRO B 219 -28.30 10.61 -15.12
CA PRO B 219 -28.18 10.64 -16.58
C PRO B 219 -28.40 12.04 -17.13
N LYS B 220 -28.24 12.19 -18.45
CA LYS B 220 -28.46 13.47 -19.11
C LYS B 220 -27.48 14.54 -18.54
N MET C 1 23.02 -25.52 21.89
CA MET C 1 24.12 -25.21 21.01
C MET C 1 23.87 -23.86 20.49
N CYS C 2 24.87 -22.97 20.58
CA CYS C 2 24.79 -21.69 19.94
C CYS C 2 25.04 -21.93 18.47
N PRO C 3 24.18 -21.38 17.64
CA PRO C 3 24.39 -21.48 16.20
C PRO C 3 25.74 -20.94 15.79
N SER C 4 26.38 -21.64 14.89
CA SER C 4 27.60 -21.13 14.37
C SER C 4 27.56 -19.60 14.15
N GLY C 5 28.54 -18.88 14.72
CA GLY C 5 28.75 -17.48 14.41
C GLY C 5 27.93 -16.50 15.22
N LYS C 6 27.23 -17.00 16.19
CA LYS C 6 26.13 -16.25 16.75
C LYS C 6 26.37 -15.93 18.21
N LYS C 7 27.51 -16.40 18.71
CA LYS C 7 27.84 -16.20 20.10
C LYS C 7 28.09 -14.74 20.40
N ALA C 8 27.43 -14.27 21.45
CA ALA C 8 27.51 -12.89 21.89
C ALA C 8 28.92 -12.48 22.37
N ARG C 9 29.47 -11.41 21.81
CA ARG C 9 30.77 -10.93 22.28
C ARG C 9 30.67 -9.66 23.08
N GLU C 10 29.59 -8.93 22.84
CA GLU C 10 29.20 -7.77 23.60
C GLU C 10 27.71 -7.87 23.88
N ILE C 11 27.29 -7.29 25.01
CA ILE C 11 25.88 -7.07 25.29
C ILE C 11 25.48 -5.80 24.58
N ASP C 12 25.00 -5.92 23.36
CA ASP C 12 24.60 -4.74 22.61
C ASP C 12 23.24 -5.00 21.91
N GLU C 13 22.81 -4.02 21.12
CA GLU C 13 21.48 -4.00 20.64
C GLU C 13 21.23 -5.02 19.55
N SER C 14 22.24 -5.69 19.05
CA SER C 14 21.95 -6.63 17.99
C SER C 14 21.38 -7.89 18.60
N LEU C 15 21.54 -8.03 19.92
CA LEU C 15 20.82 -9.05 20.70
C LEU C 15 19.31 -8.89 20.72
N ILE C 16 18.73 -7.77 20.27
CA ILE C 16 17.26 -7.72 20.40
C ILE C 16 16.60 -8.71 19.43
N PHE C 17 17.33 -9.14 18.42
CA PHE C 17 16.76 -9.99 17.42
C PHE C 17 17.18 -11.44 17.68
N TYR C 18 17.70 -11.70 18.87
CA TYR C 18 17.84 -13.08 19.31
C TYR C 18 16.54 -13.59 19.95
N LYS C 19 16.10 -14.76 19.51
CA LYS C 19 15.01 -15.46 20.18
C LYS C 19 15.32 -15.82 21.64
N LYS C 20 14.34 -15.91 22.50
CA LYS C 20 14.59 -16.40 23.85
C LYS C 20 15.62 -17.52 23.84
N TRP C 21 15.41 -18.54 23.03
CA TRP C 21 16.29 -19.69 23.16
C TRP C 21 17.70 -19.33 22.73
N GLU C 22 17.84 -18.41 21.79
CA GLU C 22 19.17 -18.03 21.29
C GLU C 22 19.92 -17.20 22.31
N LEU C 23 19.22 -16.36 23.05
CA LEU C 23 19.86 -15.70 24.18
C LEU C 23 20.37 -16.79 25.08
N GLU C 24 19.50 -17.66 25.58
CA GLU C 24 19.95 -18.67 26.52
C GLU C 24 21.21 -19.43 26.03
N ALA C 25 21.27 -19.75 24.74
CA ALA C 25 22.36 -20.56 24.22
C ALA C 25 23.62 -19.73 23.93
N CYS C 26 23.48 -18.44 23.62
CA CYS C 26 24.55 -17.68 22.98
C CYS C 26 25.17 -16.62 23.88
N VAL C 27 24.58 -16.40 25.04
CA VAL C 27 25.05 -15.36 25.92
C VAL C 27 25.63 -15.90 27.22
N ASP C 28 26.94 -15.91 27.31
CA ASP C 28 27.59 -16.44 28.48
C ASP C 28 27.26 -15.53 29.66
N ALA C 29 26.94 -16.13 30.80
CA ALA C 29 26.55 -15.38 32.00
C ALA C 29 27.59 -14.41 32.55
N ALA C 30 28.85 -14.84 32.61
CA ALA C 30 29.97 -13.97 32.98
C ALA C 30 29.95 -12.68 32.16
N LEU C 31 29.94 -12.84 30.85
CA LEU C 31 29.92 -11.70 29.98
C LEU C 31 28.83 -10.78 30.47
N LEU C 32 27.66 -11.37 30.65
CA LEU C 32 26.45 -10.62 30.92
C LEU C 32 26.55 -9.89 32.24
N ALA C 33 27.17 -10.53 33.22
CA ALA C 33 27.39 -9.88 34.50
C ALA C 33 28.26 -8.61 34.35
N THR C 34 29.31 -8.68 33.54
CA THR C 34 30.19 -7.52 33.43
C THR C 34 29.53 -6.41 32.61
N GLN C 35 28.65 -6.74 31.67
CA GLN C 35 28.03 -5.68 30.89
C GLN C 35 26.58 -5.56 31.24
N MET C 36 26.28 -5.88 32.48
CA MET C 36 24.95 -5.73 33.00
C MET C 36 24.38 -4.36 32.78
N ASP C 37 25.20 -3.32 32.97
CA ASP C 37 24.73 -1.93 32.90
C ASP C 37 24.17 -1.55 31.53
N ARG C 38 24.47 -2.35 30.51
CA ARG C 38 24.02 -2.06 29.16
C ARG C 38 22.57 -2.43 28.94
N VAL C 39 22.07 -3.38 29.72
CA VAL C 39 20.85 -4.10 29.38
C VAL C 39 19.61 -3.21 29.40
N ASN C 40 19.48 -2.44 30.45
CA ASN C 40 18.36 -1.56 30.59
C ASN C 40 18.25 -0.47 29.52
N ALA C 41 19.20 -0.42 28.60
CA ALA C 41 19.12 0.59 27.55
C ALA C 41 18.83 -0.07 26.22
N ILE C 42 18.94 -1.38 26.18
CA ILE C 42 18.59 -2.17 25.02
C ILE C 42 17.09 -2.55 25.14
N PRO C 43 16.27 -2.25 24.10
CA PRO C 43 14.83 -2.57 24.10
C PRO C 43 14.54 -4.07 24.03
N PHE C 44 14.86 -4.76 25.11
CA PHE C 44 14.51 -6.16 25.28
C PHE C 44 13.02 -6.36 25.66
N THR C 45 12.45 -7.50 25.30
CA THR C 45 11.06 -7.75 25.74
C THR C 45 11.10 -8.34 27.11
N TYR C 46 9.94 -8.34 27.75
CA TYR C 46 9.80 -9.01 29.03
C TYR C 46 10.26 -10.49 28.92
N GLU C 47 9.94 -11.16 27.81
CA GLU C 47 10.39 -12.55 27.62
C GLU C 47 11.91 -12.64 27.52
N GLN C 48 12.53 -11.66 26.88
CA GLN C 48 13.97 -11.71 26.70
C GLN C 48 14.60 -11.42 28.03
N LEU C 49 14.01 -10.47 28.72
CA LEU C 49 14.52 -10.12 30.00
C LEU C 49 14.44 -11.29 30.98
N ASP C 50 13.35 -12.09 30.94
CA ASP C 50 13.20 -13.19 31.86
C ASP C 50 14.40 -14.07 31.67
N VAL C 51 14.76 -14.34 30.43
CA VAL C 51 15.88 -15.22 30.14
C VAL C 51 17.18 -14.65 30.69
N LEU C 52 17.43 -13.37 30.44
CA LEU C 52 18.65 -12.75 30.97
C LEU C 52 18.70 -12.74 32.48
N LYS C 53 17.57 -12.59 33.10
CA LYS C 53 17.58 -12.62 34.53
C LYS C 53 17.86 -14.03 35.04
N HIS C 54 17.43 -15.03 34.30
CA HIS C 54 17.68 -16.42 34.67
C HIS C 54 19.19 -16.66 34.63
N LYS C 55 19.85 -16.23 33.53
CA LYS C 55 21.30 -16.30 33.41
C LYS C 55 21.98 -15.77 34.66
N LEU C 56 21.65 -14.58 35.11
CA LEU C 56 22.37 -14.03 36.23
C LEU C 56 22.11 -14.75 37.52
N ASP C 57 21.07 -15.57 37.56
CA ASP C 57 20.80 -16.32 38.78
C ASP C 57 21.53 -17.65 38.73
N GLU C 58 21.75 -18.19 37.54
CA GLU C 58 22.66 -19.31 37.38
C GLU C 58 23.90 -19.07 38.23
N LEU C 59 24.45 -17.86 38.15
CA LEU C 59 25.59 -17.46 39.00
C LEU C 59 25.17 -17.30 40.48
#